data_5ZEF
#
_entry.id   5ZEF
#
_cell.length_a   87.947
_cell.length_b   98.358
_cell.length_c   135.329
_cell.angle_alpha   90.00
_cell.angle_beta   90.00
_cell.angle_gamma   90.00
#
_symmetry.space_group_name_H-M   'I 21 21 21'
#
loop_
_entity.id
_entity.type
_entity.pdbx_description
1 polymer Arginase
2 non-polymer NORVALINE
3 non-polymer 'MANGANESE (II) ION'
4 non-polymer GLYCEROL
5 non-polymer 1,2-ETHANEDIOL
6 water water
#
_entity_poly.entity_id   1
_entity_poly.type   'polypeptide(L)'
_entity_poly.pdbx_seq_one_letter_code
;HHHHHHSSGENLYFQSMQFEKVTYIAVPQKYGQKKVGVEEGPKFLEKLGFMNVLEQVAKSVNKKTITEPKTPQELGVTNA
RNLNEVESVNIELRDTIAKEYDVNNLLINIGGDHSIGLGTIAGVVKAMKPNARVGVVWFDAHPDMNTPENSPSGNIHGMP
LACAVGLGPQRLTSIMPHYITPKDIMYVGIRSIDVGEQFEIQDKHIDHFTAEDVKRVGMKEVIEAINKKFVDYDVIHLSF
DIDGIDPEFILGTGTPVPKGISLEDSLYFMSEMGKMKKLHSVDIVEYNPKIEEEITGKNVLKCISSLFGIKC
;
_entity_poly.pdbx_strand_id   A,B
#
loop_
_chem_comp.id
_chem_comp.type
_chem_comp.name
_chem_comp.formula
EDO non-polymer 1,2-ETHANEDIOL 'C2 H6 O2'
GOL non-polymer GLYCEROL 'C3 H8 O3'
MN non-polymer 'MANGANESE (II) ION' 'Mn 2'
#
# COMPACT_ATOMS: atom_id res chain seq x y z
N MET A 17 16.72 -5.80 6.60
CA MET A 17 17.71 -4.89 6.03
C MET A 17 17.02 -4.07 4.98
N GLN A 18 17.28 -4.36 3.72
CA GLN A 18 16.63 -3.64 2.65
C GLN A 18 16.64 -4.57 1.44
N PHE A 19 15.59 -4.52 0.65
CA PHE A 19 15.45 -5.35 -0.51
C PHE A 19 15.13 -4.48 -1.69
N GLU A 20 15.27 -5.01 -2.89
CA GLU A 20 14.90 -4.22 -4.03
C GLU A 20 13.39 -4.08 -3.98
N LYS A 21 12.70 -5.11 -3.51
CA LYS A 21 11.26 -5.03 -3.37
C LYS A 21 10.68 -5.99 -2.33
N VAL A 22 9.50 -5.65 -1.84
CA VAL A 22 8.69 -6.50 -1.01
C VAL A 22 7.40 -6.76 -1.75
N THR A 23 7.01 -8.02 -1.87
CA THR A 23 5.71 -8.37 -2.42
C THR A 23 4.79 -8.52 -1.20
N TYR A 24 3.66 -7.81 -1.21
CA TYR A 24 2.73 -7.79 -0.09
C TYR A 24 1.42 -8.32 -0.62
N ILE A 25 0.96 -9.47 -0.11
CA ILE A 25 -0.29 -10.04 -0.57
C ILE A 25 -1.30 -9.93 0.56
N ALA A 26 -2.43 -9.28 0.26
CA ALA A 26 -3.51 -9.11 1.24
C ALA A 26 -4.48 -10.22 0.93
N VAL A 27 -4.86 -10.97 1.96
CA VAL A 27 -5.72 -12.14 1.82
C VAL A 27 -6.94 -12.01 2.73
N PRO A 28 -8.01 -11.39 2.21
CA PRO A 28 -9.17 -11.11 3.03
C PRO A 28 -10.09 -12.33 3.16
N GLN A 29 -9.65 -13.27 3.99
CA GLN A 29 -10.29 -14.57 4.14
C GLN A 29 -10.90 -14.73 5.57
N LYS A 30 -12.20 -14.89 5.63
CA LYS A 30 -12.86 -15.34 6.91
C LYS A 30 -13.45 -16.76 6.88
N TYR A 31 -13.49 -17.39 5.72
CA TYR A 31 -14.29 -18.61 5.58
C TYR A 31 -13.70 -19.86 6.22
N GLY A 32 -12.47 -19.78 6.71
CA GLY A 32 -11.89 -20.83 7.53
C GLY A 32 -12.42 -20.95 8.96
N GLN A 33 -13.28 -20.04 9.39
CA GLN A 33 -13.83 -20.03 10.74
C GLN A 33 -15.14 -19.26 10.71
N LYS A 34 -15.74 -18.95 11.85
CA LYS A 34 -17.11 -18.39 11.86
C LYS A 34 -17.21 -16.90 12.15
N LYS A 35 -16.20 -16.31 12.78
CA LYS A 35 -16.30 -14.92 13.24
C LYS A 35 -15.96 -13.92 12.14
N VAL A 36 -16.82 -12.93 11.99
CA VAL A 36 -16.61 -11.85 11.04
C VAL A 36 -15.50 -10.94 11.54
N GLY A 37 -14.72 -10.40 10.59
CA GLY A 37 -13.75 -9.38 10.92
C GLY A 37 -12.33 -9.70 10.61
N VAL A 38 -11.97 -10.97 10.63
CA VAL A 38 -10.59 -11.38 10.35
C VAL A 38 -10.20 -11.08 8.91
N GLU A 39 -11.18 -10.96 8.02
CA GLU A 39 -10.88 -10.55 6.64
C GLU A 39 -10.39 -9.09 6.49
N GLU A 40 -10.63 -8.28 7.52
CA GLU A 40 -10.23 -6.89 7.55
C GLU A 40 -8.88 -6.69 8.19
N GLY A 41 -8.19 -7.76 8.55
CA GLY A 41 -6.84 -7.66 9.09
C GLY A 41 -5.91 -6.76 8.24
N PRO A 42 -5.82 -7.00 6.94
CA PRO A 42 -4.95 -6.14 6.10
C PRO A 42 -5.33 -4.67 6.13
N LYS A 43 -6.62 -4.39 5.95
CA LYS A 43 -7.13 -3.05 5.97
C LYS A 43 -6.74 -2.31 7.25
N PHE A 44 -6.90 -2.97 8.40
CA PHE A 44 -6.61 -2.32 9.69
C PHE A 44 -5.12 -2.18 9.99
N LEU A 45 -4.33 -3.15 9.56
CA LEU A 45 -2.85 -3.00 9.65
C LEU A 45 -2.40 -1.85 8.77
N GLU A 46 -3.01 -1.67 7.59
CA GLU A 46 -2.69 -0.52 6.74
C GLU A 46 -3.02 0.80 7.46
N LYS A 47 -4.19 0.85 8.08
CA LYS A 47 -4.63 2.01 8.86
C LYS A 47 -3.66 2.36 10.01
N LEU A 48 -3.06 1.34 10.60
CA LEU A 48 -2.12 1.52 11.70
C LEU A 48 -0.67 1.75 11.27
N GLY A 49 -0.41 1.75 9.97
CA GLY A 49 0.91 2.16 9.45
C GLY A 49 1.74 1.09 8.80
N PHE A 50 1.14 -0.05 8.45
CA PHE A 50 1.85 -1.14 7.79
C PHE A 50 2.64 -0.68 6.55
N MET A 51 2.04 0.12 5.68
CA MET A 51 2.78 0.57 4.46
C MET A 51 4.02 1.36 4.82
N ASN A 52 3.93 2.18 5.87
CA ASN A 52 5.06 2.98 6.30
C ASN A 52 6.17 2.10 6.91
N VAL A 53 5.79 1.03 7.55
CA VAL A 53 6.76 0.00 7.99
C VAL A 53 7.50 -0.65 6.79
N LEU A 54 6.78 -1.01 5.72
CA LEU A 54 7.41 -1.59 4.53
C LEU A 54 8.34 -0.61 3.85
N GLU A 55 7.99 0.67 3.92
CA GLU A 55 8.78 1.76 3.35
C GLU A 55 10.20 1.83 3.95
N GLN A 56 10.39 1.31 5.17
CA GLN A 56 11.71 1.31 5.81
C GLN A 56 12.61 0.21 5.20
N VAL A 57 12.02 -0.75 4.47
CA VAL A 57 12.67 -1.97 4.03
C VAL A 57 12.90 -2.04 2.52
N ALA A 58 12.06 -1.35 1.76
CA ALA A 58 12.12 -1.39 0.32
C ALA A 58 11.41 -0.17 -0.27
N LYS A 59 11.98 0.41 -1.30
CA LYS A 59 11.36 1.52 -2.01
C LYS A 59 10.24 1.08 -2.95
N SER A 60 10.22 -0.20 -3.30
CA SER A 60 9.16 -0.79 -4.14
C SER A 60 8.37 -1.81 -3.31
N VAL A 61 7.06 -1.64 -3.29
CA VAL A 61 6.16 -2.62 -2.70
C VAL A 61 5.17 -3.01 -3.79
N ASN A 62 5.14 -4.30 -4.17
CA ASN A 62 4.13 -4.75 -5.11
C ASN A 62 3.02 -5.39 -4.29
N LYS A 63 1.86 -4.73 -4.23
CA LYS A 63 0.73 -5.26 -3.49
C LYS A 63 -0.20 -6.02 -4.42
N LYS A 64 -0.66 -7.18 -3.93
CA LYS A 64 -1.66 -7.98 -4.61
C LYS A 64 -2.77 -8.20 -3.61
N THR A 65 -4.01 -8.06 -4.06
CA THR A 65 -5.15 -8.43 -3.24
C THR A 65 -5.81 -9.68 -3.79
N ILE A 66 -5.89 -10.71 -2.98
CA ILE A 66 -6.63 -11.92 -3.32
C ILE A 66 -8.13 -11.62 -3.23
N THR A 67 -8.93 -12.16 -4.16
CA THR A 67 -10.34 -11.79 -4.25
C THR A 67 -11.11 -12.32 -3.06
N GLU A 68 -11.86 -11.44 -2.41
CA GLU A 68 -12.69 -11.80 -1.30
C GLU A 68 -13.99 -12.47 -1.74
N PRO A 69 -14.24 -13.73 -1.31
CA PRO A 69 -15.55 -14.32 -1.62
C PRO A 69 -16.69 -13.56 -0.87
N LYS A 70 -17.86 -13.43 -1.48
CA LYS A 70 -18.96 -12.64 -0.89
C LYS A 70 -20.23 -13.45 -0.78
N THR A 71 -20.10 -14.65 -0.24
N THR A 71 -20.11 -14.63 -0.22
CA THR A 71 -21.18 -15.61 -0.09
CA THR A 71 -21.21 -15.57 -0.08
C THR A 71 -21.62 -15.66 1.38
C THR A 71 -21.62 -15.61 1.40
N PRO A 72 -22.85 -16.09 1.68
CA PRO A 72 -23.21 -16.34 3.10
C PRO A 72 -22.32 -17.39 3.76
N GLN A 73 -21.97 -17.16 5.02
CA GLN A 73 -21.22 -18.11 5.82
C GLN A 73 -22.13 -19.31 6.06
N GLU A 74 -21.55 -20.50 6.02
CA GLU A 74 -22.23 -21.76 6.44
C GLU A 74 -22.13 -21.80 7.97
N LEU A 75 -23.22 -21.49 8.65
CA LEU A 75 -23.17 -21.34 10.11
C LEU A 75 -23.69 -22.57 10.88
N GLY A 76 -24.19 -23.58 10.17
CA GLY A 76 -24.67 -24.81 10.79
C GLY A 76 -23.60 -25.86 11.09
N VAL A 77 -24.05 -27.03 11.49
CA VAL A 77 -23.15 -28.20 11.70
C VAL A 77 -22.60 -28.80 10.42
N THR A 78 -21.28 -28.88 10.37
CA THR A 78 -20.62 -29.47 9.22
C THR A 78 -19.21 -29.81 9.65
N ASN A 79 -18.62 -30.77 8.95
N ASN A 79 -18.61 -30.77 8.96
CA ASN A 79 -17.22 -31.16 9.21
CA ASN A 79 -17.23 -31.17 9.21
C ASN A 79 -16.19 -30.34 8.41
C ASN A 79 -16.19 -30.34 8.42
N ALA A 80 -16.62 -29.60 7.38
CA ALA A 80 -15.71 -28.72 6.62
C ALA A 80 -16.49 -27.54 6.03
N ARG A 81 -16.53 -26.46 6.80
CA ARG A 81 -17.40 -25.34 6.50
C ARG A 81 -16.80 -24.42 5.39
N ASN A 82 -17.65 -24.02 4.46
CA ASN A 82 -17.32 -23.13 3.35
C ASN A 82 -16.08 -23.60 2.62
N LEU A 83 -16.10 -24.88 2.27
CA LEU A 83 -14.97 -25.49 1.58
C LEU A 83 -14.69 -24.80 0.23
N ASN A 84 -15.75 -24.48 -0.53
CA ASN A 84 -15.65 -23.75 -1.80
C ASN A 84 -14.85 -22.45 -1.70
N GLU A 85 -15.10 -21.68 -0.65
CA GLU A 85 -14.48 -20.38 -0.46
C GLU A 85 -13.03 -20.54 -0.03
N VAL A 86 -12.74 -21.54 0.78
CA VAL A 86 -11.35 -21.84 1.17
C VAL A 86 -10.54 -22.38 0.00
N GLU A 87 -11.18 -23.20 -0.84
CA GLU A 87 -10.54 -23.78 -2.01
C GLU A 87 -10.13 -22.64 -2.96
N SER A 88 -11.10 -21.79 -3.31
CA SER A 88 -10.90 -20.80 -4.33
C SER A 88 -9.87 -19.76 -3.90
N VAL A 89 -9.90 -19.38 -2.61
CA VAL A 89 -8.91 -18.47 -2.08
C VAL A 89 -7.49 -19.06 -2.10
N ASN A 90 -7.34 -20.28 -1.61
CA ASN A 90 -6.03 -20.94 -1.59
C ASN A 90 -5.48 -21.21 -3.00
N ILE A 91 -6.34 -21.52 -3.96
CA ILE A 91 -5.88 -21.69 -5.34
C ILE A 91 -5.29 -20.36 -5.91
N GLU A 92 -6.07 -19.28 -5.82
CA GLU A 92 -5.60 -17.95 -6.24
C GLU A 92 -4.30 -17.57 -5.51
N LEU A 93 -4.25 -17.77 -4.21
CA LEU A 93 -3.08 -17.42 -3.41
C LEU A 93 -1.82 -18.21 -3.80
N ARG A 94 -1.98 -19.54 -3.96
CA ARG A 94 -0.89 -20.40 -4.45
C ARG A 94 -0.32 -19.88 -5.75
N ASP A 95 -1.20 -19.59 -6.71
CA ASP A 95 -0.80 -19.19 -8.04
C ASP A 95 -0.14 -17.81 -8.05
N THR A 96 -0.63 -16.91 -7.21
CA THR A 96 -0.02 -15.59 -7.07
C THR A 96 1.36 -15.69 -6.49
N ILE A 97 1.49 -16.44 -5.41
CA ILE A 97 2.79 -16.69 -4.81
C ILE A 97 3.74 -17.40 -5.77
N ALA A 98 3.22 -18.34 -6.56
CA ALA A 98 4.07 -19.05 -7.50
C ALA A 98 4.74 -18.07 -8.44
N LYS A 99 4.00 -17.07 -8.90
CA LYS A 99 4.57 -16.02 -9.77
C LYS A 99 5.43 -14.98 -9.08
N GLU A 100 5.20 -14.65 -7.83
CA GLU A 100 5.89 -13.53 -7.17
C GLU A 100 7.01 -13.90 -6.20
N TYR A 101 7.07 -15.15 -5.77
CA TYR A 101 8.10 -15.60 -4.82
C TYR A 101 9.49 -15.38 -5.41
N ASP A 102 10.45 -14.93 -4.60
CA ASP A 102 11.78 -14.54 -5.09
C ASP A 102 12.79 -14.72 -3.95
N VAL A 103 13.77 -15.57 -4.13
CA VAL A 103 14.79 -15.78 -3.08
C VAL A 103 15.69 -14.56 -2.78
N ASN A 104 15.68 -13.54 -3.63
CA ASN A 104 16.43 -12.29 -3.34
C ASN A 104 15.57 -11.16 -2.75
N ASN A 105 14.27 -11.38 -2.64
CA ASN A 105 13.40 -10.38 -2.08
C ASN A 105 12.56 -11.02 -0.98
N LEU A 106 11.50 -10.33 -0.60
CA LEU A 106 10.69 -10.83 0.48
C LEU A 106 9.24 -10.78 0.10
N LEU A 107 8.50 -11.80 0.51
CA LEU A 107 7.08 -11.87 0.30
C LEU A 107 6.38 -11.99 1.64
N ILE A 108 5.34 -11.17 1.84
CA ILE A 108 4.60 -11.15 3.09
C ILE A 108 3.12 -11.24 2.76
N ASN A 109 2.50 -12.25 3.34
CA ASN A 109 1.10 -12.50 3.18
C ASN A 109 0.46 -12.05 4.46
N ILE A 110 -0.59 -11.25 4.36
CA ILE A 110 -1.32 -10.80 5.51
C ILE A 110 -2.74 -11.35 5.44
N GLY A 111 -3.14 -12.13 6.43
CA GLY A 111 -4.48 -12.67 6.45
C GLY A 111 -5.39 -11.85 7.30
N GLY A 112 -6.66 -12.21 7.41
CA GLY A 112 -7.18 -13.51 7.10
C GLY A 112 -6.91 -14.63 8.07
N ASP A 113 -7.80 -15.60 8.08
CA ASP A 113 -7.66 -16.76 8.96
C ASP A 113 -6.54 -17.73 8.52
N HIS A 114 -6.17 -18.67 9.36
CA HIS A 114 -5.00 -19.54 9.05
C HIS A 114 -5.28 -20.63 8.01
N SER A 115 -6.53 -20.75 7.53
CA SER A 115 -6.78 -21.62 6.38
C SER A 115 -5.94 -21.23 5.15
N ILE A 116 -5.53 -19.98 5.07
CA ILE A 116 -4.66 -19.52 3.97
C ILE A 116 -3.25 -20.12 3.98
N GLY A 117 -2.79 -20.64 5.12
CA GLY A 117 -1.48 -21.30 5.18
C GLY A 117 -1.32 -22.52 4.26
N LEU A 118 -2.41 -23.17 3.88
CA LEU A 118 -2.38 -24.19 2.83
C LEU A 118 -1.96 -23.54 1.48
N GLY A 119 -2.59 -22.43 1.13
CA GLY A 119 -2.32 -21.73 -0.15
C GLY A 119 -0.89 -21.18 -0.18
N THR A 120 -0.43 -20.81 1.00
CA THR A 120 0.78 -20.09 1.21
C THR A 120 1.95 -21.11 1.04
N ILE A 121 1.85 -22.25 1.70
CA ILE A 121 2.89 -23.29 1.57
C ILE A 121 2.85 -23.85 0.17
N ALA A 122 1.63 -24.05 -0.35
CA ALA A 122 1.46 -24.56 -1.70
C ALA A 122 2.18 -23.65 -2.73
N GLY A 123 2.08 -22.35 -2.53
CA GLY A 123 2.72 -21.36 -3.40
C GLY A 123 4.23 -21.40 -3.41
N VAL A 124 4.84 -21.48 -2.23
CA VAL A 124 6.27 -21.65 -2.11
C VAL A 124 6.71 -22.95 -2.78
N VAL A 125 6.00 -24.05 -2.53
CA VAL A 125 6.35 -25.32 -3.18
C VAL A 125 6.23 -25.19 -4.72
N LYS A 126 5.19 -24.49 -5.22
CA LYS A 126 5.02 -24.37 -6.67
C LYS A 126 6.11 -23.50 -7.32
N ALA A 127 6.60 -22.51 -6.56
CA ALA A 127 7.67 -21.61 -7.02
C ALA A 127 9.03 -22.33 -7.20
N MET A 128 9.28 -23.33 -6.38
CA MET A 128 10.55 -24.04 -6.35
C MET A 128 10.51 -25.24 -7.28
N LYS A 129 11.68 -25.75 -7.65
CA LYS A 129 11.77 -26.99 -8.42
C LYS A 129 11.26 -28.21 -7.61
N PRO A 130 10.76 -29.26 -8.28
CA PRO A 130 10.18 -30.40 -7.55
C PRO A 130 11.10 -31.04 -6.47
N ASN A 131 12.42 -30.98 -6.64
CA ASN A 131 13.34 -31.54 -5.64
C ASN A 131 13.68 -30.61 -4.46
N ALA A 132 13.10 -29.42 -4.38
CA ALA A 132 13.51 -28.47 -3.34
C ALA A 132 13.04 -28.87 -1.94
N ARG A 133 13.87 -28.64 -0.93
CA ARG A 133 13.52 -28.90 0.46
C ARG A 133 12.99 -27.59 1.06
N VAL A 134 11.70 -27.56 1.39
CA VAL A 134 11.04 -26.40 1.97
C VAL A 134 10.74 -26.64 3.45
N GLY A 135 11.26 -25.76 4.30
CA GLY A 135 11.07 -25.87 5.76
C GLY A 135 9.93 -24.97 6.18
N VAL A 136 9.17 -25.41 7.18
CA VAL A 136 8.08 -24.62 7.69
C VAL A 136 8.21 -24.41 9.19
N VAL A 137 8.21 -23.15 9.61
CA VAL A 137 8.16 -22.77 11.02
C VAL A 137 6.75 -22.24 11.23
N TRP A 138 6.03 -22.89 12.16
CA TRP A 138 4.65 -22.61 12.42
C TRP A 138 4.47 -22.13 13.87
N PHE A 139 4.37 -20.81 14.01
CA PHE A 139 4.23 -20.13 15.31
C PHE A 139 2.74 -19.97 15.56
N ASP A 140 2.22 -20.62 16.61
CA ASP A 140 0.77 -20.78 16.73
C ASP A 140 0.46 -21.38 18.12
N ALA A 141 -0.70 -21.07 18.69
CA ALA A 141 -1.20 -21.83 19.84
C ALA A 141 -1.65 -23.26 19.45
N HIS A 142 -1.99 -23.43 18.18
CA HIS A 142 -2.60 -24.63 17.66
C HIS A 142 -1.75 -25.27 16.61
N PRO A 143 -1.68 -26.61 16.58
CA PRO A 143 -0.95 -27.25 15.49
C PRO A 143 -1.60 -27.15 14.11
N ASP A 144 -2.90 -26.88 14.05
CA ASP A 144 -3.63 -26.78 12.79
C ASP A 144 -3.47 -28.02 11.94
N MET A 145 -3.56 -29.14 12.62
CA MET A 145 -3.38 -30.44 11.99
C MET A 145 -4.56 -31.38 12.20
N ASN A 146 -5.76 -30.82 12.29
CA ASN A 146 -6.98 -31.63 12.29
C ASN A 146 -7.44 -31.92 10.84
N THR A 147 -8.36 -32.87 10.71
CA THR A 147 -9.03 -33.20 9.46
C THR A 147 -10.55 -33.07 9.66
N PRO A 148 -11.34 -33.13 8.56
CA PRO A 148 -12.79 -33.07 8.76
C PRO A 148 -13.38 -34.19 9.59
N GLU A 149 -12.73 -35.33 9.62
CA GLU A 149 -13.23 -36.48 10.34
C GLU A 149 -12.98 -36.36 11.86
N ASN A 150 -11.90 -35.67 12.28
CA ASN A 150 -11.63 -35.46 13.72
C ASN A 150 -11.76 -33.99 14.24
N SER A 151 -12.14 -33.05 13.39
CA SER A 151 -12.21 -31.65 13.83
C SER A 151 -13.36 -31.47 14.82
N PRO A 152 -13.12 -30.81 15.96
CA PRO A 152 -14.25 -30.48 16.84
C PRO A 152 -15.14 -29.35 16.31
N SER A 153 -14.66 -28.57 15.34
CA SER A 153 -15.36 -27.35 14.89
C SER A 153 -15.88 -27.40 13.44
N GLY A 154 -15.22 -28.17 12.58
CA GLY A 154 -15.43 -28.06 11.14
C GLY A 154 -14.85 -26.79 10.50
N ASN A 155 -14.05 -26.05 11.26
CA ASN A 155 -13.44 -24.82 10.79
C ASN A 155 -12.13 -25.15 10.13
N ILE A 156 -12.03 -24.88 8.85
CA ILE A 156 -10.86 -25.31 8.06
C ILE A 156 -9.56 -24.62 8.48
N HIS A 157 -9.61 -23.52 9.23
CA HIS A 157 -8.36 -22.93 9.79
C HIS A 157 -7.61 -23.78 10.80
N GLY A 158 -8.26 -24.83 11.34
CA GLY A 158 -7.59 -25.87 12.12
C GLY A 158 -7.05 -27.07 11.33
N MET A 159 -7.13 -27.00 9.99
CA MET A 159 -6.73 -28.10 9.09
C MET A 159 -5.55 -27.92 8.09
N PRO A 160 -5.05 -26.69 7.89
CA PRO A 160 -4.18 -26.47 6.72
C PRO A 160 -2.91 -27.28 6.70
N LEU A 161 -2.24 -27.44 7.83
CA LEU A 161 -0.99 -28.19 7.85
C LEU A 161 -1.24 -29.68 7.63
N ALA A 162 -2.40 -30.19 8.09
CA ALA A 162 -2.83 -31.52 7.73
C ALA A 162 -2.98 -31.63 6.21
N CYS A 163 -3.64 -30.67 5.60
CA CYS A 163 -3.80 -30.67 4.16
C CYS A 163 -2.43 -30.61 3.45
N ALA A 164 -1.51 -29.81 3.99
CA ALA A 164 -0.18 -29.67 3.37
C ALA A 164 0.64 -30.97 3.38
N VAL A 165 0.32 -31.85 4.30
CA VAL A 165 1.05 -33.09 4.47
C VAL A 165 0.31 -34.28 3.84
N GLY A 166 -0.84 -34.00 3.23
CA GLY A 166 -1.61 -34.98 2.50
C GLY A 166 -2.79 -35.57 3.25
N LEU A 167 -3.11 -35.01 4.43
CA LEU A 167 -4.24 -35.51 5.26
C LEU A 167 -5.40 -34.56 5.18
N GLY A 168 -6.47 -34.96 4.52
CA GLY A 168 -7.59 -34.05 4.33
C GLY A 168 -8.40 -34.46 3.13
N PRO A 169 -9.45 -33.69 2.81
CA PRO A 169 -10.24 -33.95 1.61
C PRO A 169 -9.48 -33.65 0.32
N GLN A 170 -9.86 -34.35 -0.74
CA GLN A 170 -9.15 -34.26 -2.00
C GLN A 170 -9.09 -32.82 -2.56
N ARG A 171 -10.19 -32.07 -2.48
CA ARG A 171 -10.20 -30.70 -3.00
C ARG A 171 -9.25 -29.74 -2.32
N LEU A 172 -8.81 -30.06 -1.11
CA LEU A 172 -7.78 -29.25 -0.45
C LEU A 172 -6.36 -29.80 -0.57
N THR A 173 -6.18 -31.10 -0.33
CA THR A 173 -4.84 -31.70 -0.44
C THR A 173 -4.27 -31.54 -1.84
N SER A 174 -5.14 -31.55 -2.86
CA SER A 174 -4.73 -31.43 -4.24
C SER A 174 -4.23 -30.05 -4.65
N ILE A 175 -4.42 -29.02 -3.81
CA ILE A 175 -3.85 -27.70 -4.02
C ILE A 175 -2.30 -27.74 -3.93
N MET A 176 -1.74 -28.65 -3.13
CA MET A 176 -0.29 -28.82 -3.06
C MET A 176 0.24 -29.40 -4.40
N PRO A 177 1.30 -28.80 -5.00
CA PRO A 177 1.94 -29.47 -6.13
C PRO A 177 2.47 -30.84 -5.75
N HIS A 178 3.14 -30.93 -4.61
CA HIS A 178 3.36 -32.19 -3.95
C HIS A 178 3.30 -31.93 -2.44
N TYR A 179 3.19 -32.98 -1.63
CA TYR A 179 3.06 -32.77 -0.20
C TYR A 179 4.38 -32.42 0.44
N ILE A 180 4.36 -31.57 1.47
CA ILE A 180 5.48 -31.54 2.44
C ILE A 180 5.32 -32.73 3.42
N THR A 181 6.36 -32.98 4.22
CA THR A 181 6.36 -34.07 5.17
C THR A 181 6.44 -33.53 6.59
N PRO A 182 5.99 -34.34 7.58
CA PRO A 182 6.05 -33.95 8.99
C PRO A 182 7.44 -33.50 9.47
N LYS A 183 8.47 -34.04 8.85
CA LYS A 183 9.84 -33.70 9.20
C LYS A 183 10.24 -32.29 8.83
N ASP A 184 9.48 -31.68 7.95
CA ASP A 184 9.74 -30.30 7.46
C ASP A 184 9.21 -29.19 8.37
N ILE A 185 8.48 -29.56 9.43
CA ILE A 185 7.78 -28.62 10.28
C ILE A 185 8.48 -28.43 11.62
N MET A 186 8.57 -27.17 12.04
CA MET A 186 8.93 -26.84 13.41
C MET A 186 7.81 -26.00 14.00
N TYR A 187 7.16 -26.54 15.05
CA TYR A 187 6.10 -25.83 15.79
C TYR A 187 6.70 -25.00 16.91
N VAL A 188 6.13 -23.82 17.13
CA VAL A 188 6.58 -22.96 18.18
C VAL A 188 5.39 -22.31 18.88
N GLY A 189 5.32 -22.46 20.18
CA GLY A 189 4.26 -21.89 20.99
C GLY A 189 2.97 -22.69 21.19
N ILE A 190 2.87 -23.85 20.58
CA ILE A 190 1.66 -24.64 20.67
C ILE A 190 1.27 -25.04 22.11
N ARG A 191 -0.02 -25.00 22.39
CA ARG A 191 -0.49 -25.32 23.72
C ARG A 191 -1.92 -25.79 23.78
N SER A 192 -2.63 -25.71 22.67
CA SER A 192 -3.99 -26.17 22.57
C SER A 192 -3.97 -27.21 21.48
N ILE A 193 -3.91 -28.46 21.89
CA ILE A 193 -3.80 -29.59 20.98
C ILE A 193 -4.93 -30.61 21.07
N ASP A 194 -5.57 -30.94 19.97
CA ASP A 194 -6.66 -31.93 19.96
C ASP A 194 -6.07 -33.32 19.83
N VAL A 195 -6.87 -34.32 20.16
CA VAL A 195 -6.40 -35.71 20.15
C VAL A 195 -5.75 -36.14 18.81
N GLY A 196 -6.32 -35.76 17.67
CA GLY A 196 -5.73 -36.12 16.37
C GLY A 196 -4.38 -35.46 16.14
N GLU A 197 -4.21 -34.26 16.66
CA GLU A 197 -2.97 -33.50 16.48
C GLU A 197 -1.87 -34.04 17.37
N GLN A 198 -2.20 -34.40 18.60
CA GLN A 198 -1.27 -35.04 19.51
C GLN A 198 -0.76 -36.33 18.87
N PHE A 199 -1.68 -37.09 18.27
CA PHE A 199 -1.32 -38.36 17.65
C PHE A 199 -0.27 -38.10 16.54
N GLU A 200 -0.52 -37.13 15.69
CA GLU A 200 0.44 -36.80 14.61
C GLU A 200 1.79 -36.32 15.13
N ILE A 201 1.75 -35.44 16.12
CA ILE A 201 2.99 -34.93 16.70
C ILE A 201 3.86 -36.09 17.25
N GLN A 202 3.26 -36.98 18.03
CA GLN A 202 3.99 -38.11 18.61
C GLN A 202 4.32 -39.21 17.58
N ASP A 203 3.39 -39.53 16.69
CA ASP A 203 3.56 -40.66 15.76
C ASP A 203 4.59 -40.35 14.67
N LYS A 204 4.58 -39.10 14.19
CA LYS A 204 5.55 -38.63 13.21
C LYS A 204 6.74 -37.89 13.83
N HIS A 205 6.84 -37.82 15.15
CA HIS A 205 7.99 -37.18 15.83
C HIS A 205 8.25 -35.75 15.31
N ILE A 206 7.19 -34.93 15.25
CA ILE A 206 7.26 -33.60 14.72
C ILE A 206 7.93 -32.69 15.74
N ASP A 207 8.95 -31.97 15.29
CA ASP A 207 9.73 -31.11 16.17
C ASP A 207 8.86 -29.93 16.65
N HIS A 208 9.00 -29.59 17.93
CA HIS A 208 8.14 -28.60 18.55
C HIS A 208 8.70 -28.05 19.85
N PHE A 209 8.32 -26.81 20.12
CA PHE A 209 8.47 -26.21 21.41
C PHE A 209 7.10 -25.71 21.77
N THR A 210 6.52 -26.28 22.81
CA THR A 210 5.29 -25.76 23.38
C THR A 210 5.63 -24.44 24.03
N ALA A 211 4.61 -23.67 24.39
CA ALA A 211 4.79 -22.40 25.09
C ALA A 211 5.56 -22.59 26.41
N GLU A 212 5.28 -23.67 27.12
CA GLU A 212 5.97 -23.96 28.38
C GLU A 212 7.43 -24.35 28.13
N ASP A 213 7.67 -25.12 27.07
CA ASP A 213 9.04 -25.42 26.62
C ASP A 213 9.85 -24.13 26.40
N VAL A 214 9.25 -23.18 25.68
CA VAL A 214 9.89 -21.88 25.43
C VAL A 214 10.28 -21.20 26.75
N LYS A 215 9.37 -21.20 27.72
CA LYS A 215 9.66 -20.61 29.04
C LYS A 215 10.84 -21.30 29.68
N ARG A 216 10.86 -22.63 29.65
CA ARG A 216 11.88 -23.39 30.33
C ARG A 216 13.27 -23.11 29.71
N VAL A 217 13.37 -23.31 28.40
CA VAL A 217 14.66 -23.26 27.72
C VAL A 217 15.07 -21.89 27.14
N GLY A 218 14.09 -21.02 26.91
CA GLY A 218 14.37 -19.70 26.33
C GLY A 218 14.36 -19.68 24.81
N MET A 219 14.11 -18.50 24.27
CA MET A 219 13.86 -18.37 22.83
C MET A 219 15.15 -18.49 22.03
N LYS A 220 16.27 -18.21 22.67
CA LYS A 220 17.55 -18.40 22.03
C LYS A 220 17.73 -19.84 21.62
N GLU A 221 17.39 -20.77 22.52
CA GLU A 221 17.53 -22.20 22.25
C GLU A 221 16.62 -22.65 21.10
N VAL A 222 15.43 -22.06 21.04
CA VAL A 222 14.47 -22.31 19.96
C VAL A 222 15.08 -21.91 18.59
N ILE A 223 15.65 -20.72 18.52
CA ILE A 223 16.30 -20.23 17.29
C ILE A 223 17.45 -21.15 16.84
N GLU A 224 18.24 -21.61 17.80
CA GLU A 224 19.34 -22.52 17.53
C GLU A 224 18.84 -23.86 16.95
N ALA A 225 17.76 -24.38 17.51
CA ALA A 225 17.15 -25.63 17.01
C ALA A 225 16.63 -25.46 15.58
N ILE A 226 16.12 -24.28 15.27
CA ILE A 226 15.67 -23.96 13.91
C ILE A 226 16.86 -23.92 12.92
N ASN A 227 17.94 -23.25 13.30
CA ASN A 227 19.11 -23.17 12.43
C ASN A 227 19.69 -24.55 12.14
N LYS A 228 19.77 -25.39 13.17
CA LYS A 228 20.28 -26.75 13.00
C LYS A 228 19.34 -27.62 12.16
N LYS A 229 18.05 -27.53 12.44
CA LYS A 229 17.05 -28.30 11.70
C LYS A 229 17.06 -28.07 10.19
N PHE A 230 17.13 -26.81 9.79
CA PHE A 230 16.94 -26.46 8.39
C PHE A 230 18.26 -26.22 7.66
N VAL A 231 19.38 -26.61 8.28
CA VAL A 231 20.70 -26.41 7.72
C VAL A 231 20.87 -26.94 6.28
N ASP A 232 20.23 -28.06 5.94
CA ASP A 232 20.32 -28.64 4.59
C ASP A 232 19.06 -28.36 3.73
N TYR A 233 18.23 -27.41 4.11
CA TYR A 233 17.03 -27.11 3.33
C TYR A 233 17.36 -26.00 2.34
N ASP A 234 16.50 -25.79 1.37
CA ASP A 234 16.73 -24.72 0.38
C ASP A 234 16.14 -23.39 0.87
N VAL A 235 14.93 -23.45 1.41
CA VAL A 235 14.24 -22.28 1.91
C VAL A 235 13.39 -22.65 3.11
N ILE A 236 13.09 -21.63 3.93
CA ILE A 236 12.26 -21.73 5.11
C ILE A 236 11.12 -20.75 4.91
N HIS A 237 9.92 -21.18 5.27
CA HIS A 237 8.75 -20.34 5.27
C HIS A 237 8.24 -20.21 6.70
N LEU A 238 7.97 -18.98 7.13
CA LEU A 238 7.44 -18.73 8.46
C LEU A 238 5.96 -18.46 8.37
N SER A 239 5.15 -19.18 9.15
CA SER A 239 3.70 -18.91 9.22
C SER A 239 3.36 -18.52 10.65
N PHE A 240 3.03 -17.23 10.85
CA PHE A 240 2.90 -16.61 12.17
C PHE A 240 1.45 -16.30 12.46
N ASP A 241 0.88 -17.15 13.30
CA ASP A 241 -0.46 -16.98 13.86
C ASP A 241 -0.27 -16.17 15.13
N ILE A 242 -0.89 -14.99 15.15
CA ILE A 242 -0.72 -14.06 16.28
C ILE A 242 -1.23 -14.62 17.62
N ASP A 243 -2.10 -15.63 17.59
CA ASP A 243 -2.58 -16.25 18.84
C ASP A 243 -1.55 -17.15 19.49
N GLY A 244 -0.39 -17.33 18.84
CA GLY A 244 0.79 -17.88 19.47
C GLY A 244 1.19 -17.02 20.65
N ILE A 245 1.00 -15.72 20.51
CA ILE A 245 1.31 -14.76 21.54
C ILE A 245 0.25 -14.79 22.63
N ASP A 246 0.72 -14.59 23.86
CA ASP A 246 -0.16 -14.56 25.02
C ASP A 246 -1.26 -13.49 24.86
N PRO A 247 -2.50 -13.83 25.25
CA PRO A 247 -3.64 -12.91 25.15
C PRO A 247 -3.56 -11.61 25.93
N GLU A 248 -2.63 -11.47 26.86
CA GLU A 248 -2.34 -10.16 27.44
C GLU A 248 -2.00 -9.15 26.33
N PHE A 249 -1.27 -9.58 25.30
CA PHE A 249 -0.80 -8.66 24.22
C PHE A 249 -1.62 -8.76 22.94
N ILE A 250 -2.25 -9.91 22.68
CA ILE A 250 -3.02 -10.15 21.46
C ILE A 250 -4.43 -10.53 21.84
N LEU A 251 -5.30 -9.54 21.84
CA LEU A 251 -6.69 -9.72 22.20
C LEU A 251 -7.56 -9.90 20.96
N GLY A 252 -7.18 -9.28 19.84
CA GLY A 252 -8.01 -9.25 18.63
C GLY A 252 -7.77 -10.46 17.74
N THR A 253 -8.28 -11.61 18.21
CA THR A 253 -8.10 -12.88 17.51
C THR A 253 -9.18 -13.83 17.95
N GLY A 254 -9.55 -14.75 17.08
CA GLY A 254 -10.74 -15.56 17.30
C GLY A 254 -10.59 -16.71 18.28
N THR A 255 -9.39 -17.27 18.45
CA THR A 255 -9.17 -18.41 19.34
C THR A 255 -8.00 -18.15 20.28
N PRO A 256 -8.15 -17.17 21.20
CA PRO A 256 -7.10 -16.90 22.19
C PRO A 256 -6.97 -18.04 23.18
N VAL A 257 -5.73 -18.33 23.55
CA VAL A 257 -5.42 -19.38 24.49
C VAL A 257 -4.43 -18.85 25.50
N PRO A 258 -4.72 -19.00 26.79
CA PRO A 258 -3.82 -18.39 27.79
C PRO A 258 -2.49 -19.14 27.94
N LYS A 259 -1.56 -18.52 28.68
CA LYS A 259 -0.21 -19.04 28.91
C LYS A 259 0.58 -19.17 27.61
N GLY A 260 0.62 -18.08 26.87
CA GLY A 260 1.33 -18.02 25.61
C GLY A 260 2.72 -17.43 25.68
N ILE A 261 3.28 -17.17 24.50
CA ILE A 261 4.62 -16.66 24.38
C ILE A 261 4.48 -15.18 24.73
N SER A 262 5.40 -14.69 25.55
CA SER A 262 5.47 -13.27 25.92
C SER A 262 5.72 -12.40 24.70
N LEU A 263 5.36 -11.12 24.78
CA LEU A 263 5.60 -10.21 23.67
C LEU A 263 7.10 -10.14 23.44
N GLU A 264 7.84 -10.01 24.53
CA GLU A 264 9.29 -9.92 24.48
C GLU A 264 9.91 -11.08 23.74
N ASP A 265 9.56 -12.31 24.12
CA ASP A 265 10.06 -13.49 23.39
C ASP A 265 9.61 -13.54 21.94
N SER A 266 8.41 -13.03 21.65
CA SER A 266 7.91 -12.98 20.27
C SER A 266 8.75 -12.04 19.38
N LEU A 267 9.13 -10.89 19.94
CA LEU A 267 9.94 -9.92 19.22
C LEU A 267 11.34 -10.42 19.02
N TYR A 268 11.92 -11.04 20.05
CA TYR A 268 13.23 -11.66 19.87
C TYR A 268 13.16 -12.74 18.79
N PHE A 269 12.12 -13.58 18.86
CA PHE A 269 11.90 -14.64 17.87
C PHE A 269 11.88 -14.06 16.44
N MET A 270 11.05 -13.04 16.23
CA MET A 270 10.93 -12.42 14.93
C MET A 270 12.24 -11.80 14.44
N SER A 271 12.94 -11.10 15.34
CA SER A 271 14.25 -10.54 15.04
C SER A 271 15.21 -11.63 14.54
N GLU A 272 15.28 -12.72 15.27
CA GLU A 272 16.18 -13.82 14.88
C GLU A 272 15.77 -14.54 13.59
N MET A 273 14.47 -14.73 13.40
CA MET A 273 13.97 -15.27 12.14
C MET A 273 14.35 -14.39 10.94
N GLY A 274 14.26 -13.07 11.11
CA GLY A 274 14.55 -12.12 10.06
C GLY A 274 15.98 -12.16 9.58
N LYS A 275 16.88 -12.56 10.48
CA LYS A 275 18.28 -12.78 10.15
C LYS A 275 18.60 -14.07 9.39
N MET A 276 17.66 -14.98 9.20
CA MET A 276 17.98 -16.26 8.54
C MET A 276 17.98 -16.07 7.03
N LYS A 277 19.10 -16.40 6.39
CA LYS A 277 19.26 -16.18 4.96
C LYS A 277 18.33 -17.04 4.11
N LYS A 278 17.87 -18.15 4.66
CA LYS A 278 16.92 -18.99 3.93
C LYS A 278 15.45 -18.56 3.98
N LEU A 279 15.12 -17.55 4.78
CA LEU A 279 13.75 -17.04 4.87
C LEU A 279 13.41 -15.96 3.82
N HIS A 280 12.44 -16.26 2.96
CA HIS A 280 12.01 -15.35 1.90
C HIS A 280 10.51 -15.06 1.86
N SER A 281 9.77 -15.62 2.81
CA SER A 281 8.31 -15.49 2.82
C SER A 281 7.75 -15.65 4.26
N VAL A 282 6.69 -14.89 4.56
N VAL A 282 6.69 -14.89 4.56
CA VAL A 282 6.11 -14.83 5.90
CA VAL A 282 6.09 -14.85 5.90
C VAL A 282 4.61 -14.62 5.80
C VAL A 282 4.60 -14.62 5.79
N ASP A 283 3.84 -15.30 6.66
CA ASP A 283 2.39 -15.10 6.78
C ASP A 283 2.17 -14.45 8.14
N ILE A 284 1.29 -13.45 8.22
CA ILE A 284 0.85 -12.92 9.50
C ILE A 284 -0.66 -13.09 9.48
N VAL A 285 -1.19 -13.99 10.32
CA VAL A 285 -2.62 -14.36 10.23
C VAL A 285 -3.36 -14.26 11.57
N GLU A 286 -4.68 -14.23 11.45
CA GLU A 286 -5.67 -14.28 12.54
C GLU A 286 -5.84 -12.96 13.30
N TYR A 287 -5.41 -11.85 12.70
CA TYR A 287 -5.79 -10.55 13.26
C TYR A 287 -7.24 -10.24 12.93
N ASN A 288 -8.08 -10.22 13.97
CA ASN A 288 -9.47 -9.80 13.85
C ASN A 288 -9.66 -8.46 14.56
N PRO A 289 -9.57 -7.34 13.81
CA PRO A 289 -9.74 -6.01 14.40
C PRO A 289 -11.16 -5.71 14.90
N LYS A 290 -12.17 -6.46 14.46
CA LYS A 290 -13.52 -6.31 15.01
C LYS A 290 -13.65 -6.88 16.43
N ILE A 291 -12.73 -7.74 16.84
CA ILE A 291 -12.71 -8.26 18.23
C ILE A 291 -11.96 -7.23 19.08
N GLU A 292 -10.72 -6.93 18.71
CA GLU A 292 -10.00 -5.81 19.33
C GLU A 292 -9.01 -5.24 18.31
N GLU A 293 -8.97 -3.92 18.22
CA GLU A 293 -8.26 -3.23 17.13
C GLU A 293 -6.86 -2.74 17.47
N GLU A 294 -6.77 -1.83 18.42
CA GLU A 294 -5.59 -0.98 18.56
C GLU A 294 -4.43 -1.63 19.27
N ILE A 295 -4.68 -2.21 20.43
CA ILE A 295 -3.63 -2.82 21.23
C ILE A 295 -3.02 -3.96 20.43
N THR A 296 -3.91 -4.75 19.84
CA THR A 296 -3.51 -5.92 19.06
C THR A 296 -2.77 -5.49 17.80
N GLY A 297 -3.38 -4.61 17.03
CA GLY A 297 -2.82 -4.14 15.77
C GLY A 297 -1.43 -3.58 15.94
N LYS A 298 -1.25 -2.76 16.97
CA LYS A 298 0.05 -2.16 17.25
C LYS A 298 1.06 -3.18 17.66
N ASN A 299 0.65 -4.18 18.44
CA ASN A 299 1.58 -5.24 18.84
C ASN A 299 1.96 -6.14 17.67
N VAL A 300 1.02 -6.35 16.76
CA VAL A 300 1.30 -7.10 15.55
C VAL A 300 2.33 -6.31 14.68
N LEU A 301 2.16 -5.00 14.55
CA LEU A 301 3.15 -4.16 13.87
C LEU A 301 4.54 -4.17 14.49
N LYS A 302 4.63 -4.30 15.82
CA LYS A 302 5.94 -4.49 16.47
C LYS A 302 6.60 -5.81 16.07
N CYS A 303 5.81 -6.90 15.96
CA CYS A 303 6.34 -8.19 15.50
C CYS A 303 6.90 -8.09 14.08
N ILE A 304 6.13 -7.49 13.19
CA ILE A 304 6.53 -7.30 11.81
C ILE A 304 7.78 -6.39 11.72
N SER A 305 7.80 -5.30 12.50
CA SER A 305 8.98 -4.44 12.57
C SER A 305 10.20 -5.20 13.04
N SER A 306 10.04 -6.02 14.08
CA SER A 306 11.17 -6.83 14.59
C SER A 306 11.74 -7.74 13.53
N LEU A 307 10.84 -8.37 12.79
CA LEU A 307 11.23 -9.26 11.71
C LEU A 307 12.19 -8.55 10.74
N PHE A 308 11.84 -7.35 10.40
CA PHE A 308 12.58 -6.54 9.46
C PHE A 308 13.78 -5.81 10.02
N GLY A 309 13.93 -5.81 11.32
CA GLY A 309 15.06 -5.13 11.94
C GLY A 309 14.78 -3.70 12.36
N ILE A 310 13.58 -3.23 12.09
CA ILE A 310 13.22 -1.89 12.47
C ILE A 310 12.90 -1.87 13.94
N GLN B 15 -15.98 0.35 -7.45
CA GLN B 15 -16.66 1.50 -7.97
C GLN B 15 -17.02 1.28 -9.41
N SER B 16 -16.65 2.21 -10.28
CA SER B 16 -16.97 2.09 -11.68
C SER B 16 -15.76 1.82 -12.56
N MET B 17 -14.59 2.20 -12.06
CA MET B 17 -13.36 2.03 -12.80
C MET B 17 -12.68 0.77 -12.37
N GLN B 18 -12.02 0.08 -13.28
CA GLN B 18 -11.30 -1.11 -12.91
C GLN B 18 -10.12 -1.28 -13.82
N PHE B 19 -8.94 -1.40 -13.26
CA PHE B 19 -7.75 -1.53 -14.03
C PHE B 19 -6.96 -2.74 -13.62
N GLU B 20 -6.14 -3.21 -14.52
CA GLU B 20 -5.21 -4.26 -14.19
C GLU B 20 -4.27 -3.84 -13.10
N LYS B 21 -3.80 -2.59 -13.14
CA LYS B 21 -2.98 -2.07 -12.05
C LYS B 21 -3.11 -0.58 -11.85
N VAL B 22 -2.72 -0.15 -10.66
CA VAL B 22 -2.52 1.26 -10.36
C VAL B 22 -1.07 1.39 -9.89
N THR B 23 -0.34 2.35 -10.46
CA THR B 23 0.98 2.68 -9.96
C THR B 23 0.78 3.83 -8.97
N TYR B 24 1.30 3.70 -7.76
CA TYR B 24 1.11 4.70 -6.71
C TYR B 24 2.48 5.16 -6.30
N ILE B 25 2.78 6.43 -6.53
CA ILE B 25 4.08 6.98 -6.16
C ILE B 25 3.90 7.94 -4.98
N ALA B 26 4.62 7.66 -3.89
CA ALA B 26 4.59 8.51 -2.71
C ALA B 26 5.78 9.42 -2.83
N VAL B 27 5.54 10.73 -2.64
CA VAL B 27 6.55 11.76 -2.82
C VAL B 27 6.65 12.62 -1.57
N PRO B 28 7.49 12.20 -0.62
CA PRO B 28 7.55 12.87 0.69
C PRO B 28 8.46 14.11 0.62
N GLN B 29 7.93 15.15 0.00
CA GLN B 29 8.65 16.39 -0.30
C GLN B 29 8.07 17.57 0.47
N LYS B 30 8.89 18.16 1.32
CA LYS B 30 8.54 19.48 1.95
C LYS B 30 9.42 20.65 1.48
N TYR B 31 10.47 20.38 0.71
CA TYR B 31 11.47 21.42 0.48
C TYR B 31 11.05 22.52 -0.51
N GLY B 32 9.91 22.37 -1.15
CA GLY B 32 9.32 23.46 -1.92
C GLY B 32 8.69 24.61 -1.15
N GLN B 33 8.62 24.50 0.18
CA GLN B 33 8.04 25.54 1.03
C GLN B 33 8.63 25.37 2.43
N LYS B 34 8.11 26.07 3.44
CA LYS B 34 8.79 26.10 4.75
C LYS B 34 8.17 25.23 5.85
N LYS B 35 6.88 24.92 5.72
CA LYS B 35 6.16 24.25 6.80
C LYS B 35 6.34 22.76 6.81
N VAL B 36 6.66 22.25 8.00
CA VAL B 36 6.86 20.84 8.19
C VAL B 36 5.50 20.13 8.20
N GLY B 37 5.49 18.91 7.67
CA GLY B 37 4.32 18.06 7.75
C GLY B 37 3.74 17.65 6.40
N VAL B 38 3.94 18.48 5.36
CA VAL B 38 3.40 18.14 4.04
C VAL B 38 4.09 16.90 3.45
N GLU B 39 5.28 16.58 3.92
CA GLU B 39 5.94 15.34 3.48
C GLU B 39 5.26 14.05 4.00
N GLU B 40 4.43 14.19 5.03
CA GLU B 40 3.71 13.09 5.62
C GLU B 40 2.33 12.88 5.00
N GLY B 41 2.00 13.65 3.98
CA GLY B 41 0.72 13.47 3.29
C GLY B 41 0.44 12.01 2.89
N PRO B 42 1.40 11.34 2.22
CA PRO B 42 1.15 9.93 1.87
C PRO B 42 0.91 9.03 3.06
N LYS B 43 1.77 9.14 4.07
CA LYS B 43 1.63 8.36 5.27
C LYS B 43 0.25 8.49 5.91
N PHE B 44 -0.24 9.72 6.00
CA PHE B 44 -1.56 9.94 6.65
C PHE B 44 -2.76 9.57 5.79
N LEU B 45 -2.64 9.74 4.48
CA LEU B 45 -3.68 9.21 3.56
C LEU B 45 -3.71 7.69 3.64
N GLU B 46 -2.56 7.03 3.78
CA GLU B 46 -2.52 5.56 3.97
C GLU B 46 -3.26 5.18 5.27
N LYS B 47 -2.99 5.91 6.35
CA LYS B 47 -3.64 5.71 7.64
C LYS B 47 -5.17 5.88 7.58
N LEU B 48 -5.64 6.75 6.72
CA LEU B 48 -7.05 7.02 6.53
C LEU B 48 -7.73 6.11 5.51
N GLY B 49 -6.99 5.19 4.89
CA GLY B 49 -7.59 4.18 4.05
C GLY B 49 -7.33 4.29 2.56
N PHE B 50 -6.31 5.06 2.17
CA PHE B 50 -5.95 5.20 0.76
C PHE B 50 -5.78 3.85 0.04
N MET B 51 -5.04 2.92 0.65
CA MET B 51 -4.84 1.59 0.02
C MET B 51 -6.16 0.87 -0.23
N ASN B 52 -7.10 0.99 0.70
CA ASN B 52 -8.39 0.34 0.56
C ASN B 52 -9.22 1.00 -0.56
N VAL B 53 -9.06 2.30 -0.75
CA VAL B 53 -9.65 2.97 -1.93
C VAL B 53 -9.08 2.42 -3.27
N LEU B 54 -7.76 2.22 -3.34
CA LEU B 54 -7.15 1.66 -4.55
C LEU B 54 -7.60 0.22 -4.80
N GLU B 55 -7.85 -0.50 -3.73
CA GLU B 55 -8.33 -1.87 -3.79
C GLU B 55 -9.68 -2.01 -4.53
N GLN B 56 -10.47 -0.94 -4.56
CA GLN B 56 -11.75 -0.93 -5.28
C GLN B 56 -11.55 -0.85 -6.79
N VAL B 57 -10.35 -0.48 -7.23
CA VAL B 57 -10.03 -0.15 -8.62
C VAL B 57 -9.15 -1.19 -9.30
N ALA B 58 -8.31 -1.89 -8.54
CA ALA B 58 -7.30 -2.76 -9.11
C ALA B 58 -6.83 -3.75 -8.07
N LYS B 59 -6.62 -5.00 -8.48
CA LYS B 59 -6.05 -6.01 -7.58
C LYS B 59 -4.56 -5.87 -7.36
N SER B 60 -3.88 -5.15 -8.24
CA SER B 60 -2.42 -4.92 -8.17
C SER B 60 -2.18 -3.43 -7.99
N VAL B 61 -1.40 -3.10 -6.96
CA VAL B 61 -0.92 -1.75 -6.74
C VAL B 61 0.59 -1.82 -6.67
N ASN B 62 1.28 -1.12 -7.57
CA ASN B 62 2.73 -1.08 -7.52
C ASN B 62 3.08 0.26 -6.86
N LYS B 63 3.57 0.21 -5.63
CA LYS B 63 3.94 1.43 -4.91
C LYS B 63 5.41 1.70 -5.03
N LYS B 64 5.74 2.97 -5.27
CA LYS B 64 7.12 3.44 -5.28
C LYS B 64 7.20 4.60 -4.32
N THR B 65 8.26 4.65 -3.53
CA THR B 65 8.54 5.78 -2.68
C THR B 65 9.74 6.53 -3.20
N ILE B 66 9.56 7.81 -3.52
CA ILE B 66 10.67 8.67 -3.88
C ILE B 66 11.48 8.99 -2.61
N THR B 67 12.81 9.05 -2.73
CA THR B 67 13.66 9.20 -1.56
C THR B 67 13.47 10.55 -0.91
N GLU B 68 13.22 10.54 0.40
CA GLU B 68 13.03 11.75 1.16
C GLU B 68 14.40 12.37 1.49
N PRO B 69 14.65 13.62 1.05
CA PRO B 69 15.89 14.28 1.49
C PRO B 69 15.88 14.54 3.00
N LYS B 70 17.03 14.42 3.65
CA LYS B 70 17.10 14.60 5.12
C LYS B 70 18.15 15.64 5.47
N THR B 71 18.09 16.77 4.77
CA THR B 71 19.07 17.84 4.86
C THR B 71 18.42 19.05 5.53
N PRO B 72 19.24 19.99 6.07
CA PRO B 72 18.62 21.14 6.73
C PRO B 72 17.77 22.01 5.83
N GLN B 73 16.63 22.49 6.34
CA GLN B 73 15.80 23.46 5.60
C GLN B 73 16.58 24.76 5.53
N GLU B 74 16.55 25.40 4.35
CA GLU B 74 17.25 26.67 4.09
C GLU B 74 16.22 27.73 4.54
N LEU B 75 16.44 28.13 5.77
CA LEU B 75 15.66 29.14 6.41
C LEU B 75 16.58 30.34 6.27
N GLY B 76 16.00 31.45 5.90
CA GLY B 76 16.78 32.64 5.66
C GLY B 76 16.39 33.03 4.26
N VAL B 77 16.25 34.33 4.03
CA VAL B 77 15.84 34.83 2.74
C VAL B 77 16.72 34.36 1.59
N THR B 78 16.04 34.07 0.48
CA THR B 78 16.62 33.65 -0.78
C THR B 78 15.55 33.62 -1.82
N ASN B 79 15.95 33.45 -3.06
CA ASN B 79 15.04 33.44 -4.20
C ASN B 79 14.58 32.02 -4.61
N ALA B 80 15.30 31.01 -4.20
CA ALA B 80 14.95 29.64 -4.49
C ALA B 80 15.51 28.76 -3.42
N ARG B 81 14.72 28.51 -2.38
CA ARG B 81 15.20 27.71 -1.29
C ARG B 81 15.27 26.22 -1.51
N ASN B 82 16.31 25.62 -1.00
CA ASN B 82 16.54 24.19 -1.10
C ASN B 82 16.43 23.66 -2.51
N LEU B 83 17.10 24.33 -3.43
CA LEU B 83 17.08 23.94 -4.83
C LEU B 83 17.60 22.55 -5.02
N ASN B 84 18.66 22.21 -4.32
CA ASN B 84 19.23 20.86 -4.35
C ASN B 84 18.21 19.75 -4.09
N GLU B 85 17.37 19.96 -3.08
CA GLU B 85 16.41 18.95 -2.64
C GLU B 85 15.25 18.86 -3.62
N VAL B 86 14.85 20.00 -4.17
CA VAL B 86 13.78 20.01 -5.17
C VAL B 86 14.26 19.40 -6.50
N GLU B 87 15.52 19.67 -6.86
CA GLU B 87 16.12 19.10 -8.06
C GLU B 87 16.17 17.59 -7.97
N SER B 88 16.73 17.08 -6.88
CA SER B 88 17.01 15.67 -6.76
C SER B 88 15.70 14.87 -6.68
N VAL B 89 14.70 15.41 -5.98
CA VAL B 89 13.39 14.76 -5.92
C VAL B 89 12.70 14.73 -7.28
N ASN B 90 12.66 15.86 -7.97
CA ASN B 90 12.01 15.92 -9.29
C ASN B 90 12.71 15.05 -10.33
N ILE B 91 14.04 14.95 -10.28
CA ILE B 91 14.77 14.06 -11.19
C ILE B 91 14.36 12.58 -10.96
N GLU B 92 14.44 12.12 -9.72
CA GLU B 92 14.00 10.75 -9.37
C GLU B 92 12.54 10.51 -9.77
N LEU B 93 11.67 11.45 -9.47
CA LEU B 93 10.24 11.33 -9.78
C LEU B 93 9.96 11.24 -11.28
N ARG B 94 10.61 12.13 -12.07
CA ARG B 94 10.52 12.09 -13.52
C ARG B 94 10.89 10.71 -14.06
N ASP B 95 12.03 10.19 -13.61
CA ASP B 95 12.56 8.96 -14.12
C ASP B 95 11.69 7.76 -13.70
N THR B 96 11.13 7.83 -12.49
CA THR B 96 10.22 6.76 -12.02
C THR B 96 8.96 6.74 -12.87
N ILE B 97 8.36 7.91 -13.06
CA ILE B 97 7.20 8.03 -13.91
C ILE B 97 7.49 7.61 -15.34
N ALA B 98 8.68 7.95 -15.87
CA ALA B 98 9.01 7.60 -17.22
C ALA B 98 8.94 6.09 -17.39
N LYS B 99 9.41 5.33 -16.40
CA LYS B 99 9.33 3.86 -16.46
C LYS B 99 7.97 3.27 -16.21
N GLU B 100 7.12 3.88 -15.40
CA GLU B 100 5.86 3.26 -14.96
C GLU B 100 4.59 3.77 -15.62
N TYR B 101 4.68 4.90 -16.33
CA TYR B 101 3.51 5.50 -17.00
C TYR B 101 2.94 4.52 -18.00
N ASP B 102 1.61 4.44 -18.07
CA ASP B 102 0.95 3.42 -18.88
C ASP B 102 -0.41 3.92 -19.33
N VAL B 103 -0.62 4.07 -20.63
CA VAL B 103 -1.89 4.53 -21.15
C VAL B 103 -3.07 3.59 -20.91
N ASN B 104 -2.83 2.33 -20.53
CA ASN B 104 -3.91 1.40 -20.18
C ASN B 104 -4.17 1.25 -18.69
N ASN B 105 -3.37 1.90 -17.86
CA ASN B 105 -3.56 1.82 -16.42
C ASN B 105 -3.55 3.25 -15.86
N LEU B 106 -3.37 3.36 -14.56
CA LEU B 106 -3.46 4.67 -13.93
C LEU B 106 -2.29 4.84 -13.00
N LEU B 107 -1.74 6.06 -12.99
CA LEU B 107 -0.63 6.40 -12.13
C LEU B 107 -1.06 7.57 -11.23
N ILE B 108 -0.81 7.46 -9.93
CA ILE B 108 -1.22 8.48 -8.96
C ILE B 108 -0.03 8.82 -8.09
N ASN B 109 0.33 10.10 -8.10
CA ASN B 109 1.42 10.66 -7.32
C ASN B 109 0.78 11.41 -6.15
N ILE B 110 1.21 11.12 -4.94
CA ILE B 110 0.72 11.75 -3.75
C ILE B 110 1.84 12.51 -3.11
N GLY B 111 1.68 13.82 -2.99
CA GLY B 111 2.67 14.66 -2.36
C GLY B 111 2.39 14.87 -0.88
N GLY B 112 3.25 15.60 -0.20
CA GLY B 112 4.24 16.47 -0.79
C GLY B 112 3.76 17.79 -1.36
N ASP B 113 4.63 18.79 -1.33
CA ASP B 113 4.29 20.11 -1.87
C ASP B 113 4.20 20.17 -3.41
N HIS B 114 3.71 21.25 -3.96
CA HIS B 114 3.47 21.32 -5.41
C HIS B 114 4.74 21.52 -6.26
N SER B 115 5.90 21.68 -5.63
CA SER B 115 7.15 21.66 -6.38
C SER B 115 7.36 20.33 -7.15
N ILE B 116 6.71 19.27 -6.68
CA ILE B 116 6.78 17.98 -7.38
C ILE B 116 6.08 17.96 -8.74
N GLY B 117 5.17 18.89 -9.00
CA GLY B 117 4.51 18.99 -10.30
C GLY B 117 5.44 19.21 -11.50
N LEU B 118 6.63 19.78 -11.26
CA LEU B 118 7.67 19.83 -12.30
C LEU B 118 8.14 18.41 -12.64
N GLY B 119 8.40 17.59 -11.62
CA GLY B 119 8.87 16.20 -11.82
C GLY B 119 7.83 15.35 -12.49
N THR B 120 6.59 15.67 -12.18
CA THR B 120 5.45 14.89 -12.51
C THR B 120 5.14 15.16 -14.02
N ILE B 121 5.14 16.41 -14.43
CA ILE B 121 4.91 16.73 -15.85
C ILE B 121 6.09 16.25 -16.64
N ALA B 122 7.29 16.46 -16.11
CA ALA B 122 8.50 16.02 -16.78
C ALA B 122 8.47 14.54 -17.07
N GLY B 123 7.95 13.75 -16.11
CA GLY B 123 7.82 12.30 -16.24
C GLY B 123 6.90 11.85 -17.35
N VAL B 124 5.72 12.45 -17.41
CA VAL B 124 4.77 12.19 -18.46
C VAL B 124 5.37 12.54 -19.82
N VAL B 125 6.01 13.69 -19.91
CA VAL B 125 6.66 14.08 -21.17
C VAL B 125 7.76 13.07 -21.55
N LYS B 126 8.55 12.61 -20.58
CA LYS B 126 9.61 11.66 -20.86
C LYS B 126 9.08 10.27 -21.27
N ALA B 127 7.92 9.89 -20.74
CA ALA B 127 7.27 8.62 -21.07
C ALA B 127 6.75 8.56 -22.50
N MET B 128 6.34 9.71 -23.02
CA MET B 128 5.73 9.80 -24.34
C MET B 128 6.82 10.04 -25.37
N LYS B 129 6.51 9.82 -26.64
CA LYS B 129 7.45 10.15 -27.72
C LYS B 129 7.71 11.67 -27.79
N PRO B 130 8.90 12.10 -28.27
CA PRO B 130 9.20 13.54 -28.31
C PRO B 130 8.16 14.42 -29.02
N ASN B 131 7.44 13.89 -30.01
CA ASN B 131 6.38 14.70 -30.66
C ASN B 131 5.00 14.71 -29.98
N ALA B 132 4.86 14.10 -28.81
CA ALA B 132 3.53 13.98 -28.18
C ALA B 132 2.99 15.31 -27.64
N ARG B 133 1.68 15.52 -27.77
CA ARG B 133 1.01 16.64 -27.16
C ARG B 133 0.49 16.24 -25.78
N VAL B 134 1.06 16.85 -24.74
N VAL B 134 1.04 16.87 -24.74
CA VAL B 134 0.66 16.59 -23.36
CA VAL B 134 0.66 16.59 -23.36
C VAL B 134 -0.11 17.77 -22.79
C VAL B 134 -0.12 17.78 -22.80
N GLY B 135 -1.34 17.51 -22.33
CA GLY B 135 -2.22 18.55 -21.77
C GLY B 135 -2.08 18.54 -20.27
N VAL B 136 -2.19 19.72 -19.66
CA VAL B 136 -2.10 19.81 -18.21
C VAL B 136 -3.32 20.54 -17.67
N VAL B 137 -4.04 19.88 -16.75
CA VAL B 137 -5.14 20.50 -15.99
C VAL B 137 -4.59 20.72 -14.60
N TRP B 138 -4.61 21.99 -14.16
CA TRP B 138 -3.98 22.42 -12.93
C TRP B 138 -5.05 23.04 -12.03
N PHE B 139 -5.51 22.23 -11.08
CA PHE B 139 -6.56 22.60 -10.12
C PHE B 139 -5.85 23.12 -8.88
N ASP B 140 -6.05 24.40 -8.56
CA ASP B 140 -5.18 25.07 -7.58
C ASP B 140 -5.77 26.45 -7.28
N ALA B 141 -5.57 26.96 -6.06
CA ALA B 141 -5.81 28.40 -5.79
C ALA B 141 -4.78 29.31 -6.48
N HIS B 142 -3.62 28.76 -6.78
CA HIS B 142 -2.47 29.49 -7.28
C HIS B 142 -2.06 29.00 -8.63
N PRO B 143 -1.63 29.92 -9.53
CA PRO B 143 -1.12 29.45 -10.82
C PRO B 143 0.22 28.73 -10.79
N ASP B 144 1.00 28.93 -9.73
CA ASP B 144 2.32 28.31 -9.57
C ASP B 144 3.22 28.58 -10.77
N MET B 145 3.18 29.84 -11.16
CA MET B 145 3.87 30.35 -12.31
C MET B 145 4.85 31.48 -12.01
N ASN B 146 5.35 31.54 -10.79
CA ASN B 146 6.38 32.50 -10.44
C ASN B 146 7.77 31.97 -10.83
N THR B 147 8.73 32.90 -10.84
CA THR B 147 10.14 32.57 -11.03
C THR B 147 10.92 33.07 -9.81
N PRO B 148 12.19 32.65 -9.67
CA PRO B 148 12.97 33.20 -8.54
C PRO B 148 13.14 34.72 -8.54
N GLU B 149 13.08 35.34 -9.71
CA GLU B 149 13.25 36.78 -9.81
C GLU B 149 12.00 37.57 -9.36
N ASN B 150 10.79 36.99 -9.51
CA ASN B 150 9.53 37.66 -9.08
C ASN B 150 8.77 36.96 -7.93
N SER B 151 9.32 35.89 -7.37
CA SER B 151 8.65 35.18 -6.28
C SER B 151 8.65 36.05 -5.04
N PRO B 152 7.50 36.20 -4.37
CA PRO B 152 7.51 36.91 -3.09
C PRO B 152 8.13 36.08 -1.94
N SER B 153 8.27 34.77 -2.11
CA SER B 153 8.67 33.85 -1.03
C SER B 153 10.00 33.14 -1.22
N GLY B 154 10.41 32.91 -2.47
CA GLY B 154 11.50 31.98 -2.77
C GLY B 154 11.15 30.51 -2.60
N ASN B 155 9.86 30.21 -2.41
CA ASN B 155 9.39 28.86 -2.21
C ASN B 155 9.10 28.25 -3.57
N ILE B 156 9.84 27.20 -3.90
CA ILE B 156 9.78 26.66 -5.25
C ILE B 156 8.41 26.01 -5.60
N HIS B 157 7.55 25.72 -4.60
CA HIS B 157 6.21 25.25 -4.93
C HIS B 157 5.29 26.25 -5.63
N GLY B 158 5.66 27.53 -5.64
CA GLY B 158 5.02 28.56 -6.48
C GLY B 158 5.64 28.74 -7.87
N MET B 159 6.59 27.87 -8.27
CA MET B 159 7.29 27.95 -9.55
C MET B 159 7.21 26.81 -10.60
N PRO B 160 6.63 25.64 -10.24
CA PRO B 160 6.82 24.48 -11.13
C PRO B 160 6.29 24.63 -12.53
N LEU B 161 5.14 25.25 -12.70
CA LEU B 161 4.57 25.39 -14.05
C LEU B 161 5.40 26.39 -14.87
N ALA B 162 5.98 27.40 -14.22
CA ALA B 162 6.94 28.27 -14.87
C ALA B 162 8.14 27.45 -15.34
N CYS B 163 8.68 26.60 -14.48
CA CYS B 163 9.78 25.75 -14.87
C CYS B 163 9.40 24.84 -16.02
N ALA B 164 8.19 24.30 -16.00
CA ALA B 164 7.74 23.38 -17.07
C ALA B 164 7.64 24.04 -18.45
N VAL B 165 7.49 25.36 -18.47
CA VAL B 165 7.37 26.10 -19.75
C VAL B 165 8.66 26.79 -20.12
N GLY B 166 9.69 26.59 -19.33
CA GLY B 166 11.03 27.07 -19.64
C GLY B 166 11.44 28.33 -18.89
N LEU B 167 10.63 28.79 -17.93
CA LEU B 167 10.92 30.03 -17.15
C LEU B 167 11.36 29.66 -15.74
N GLY B 168 12.63 29.84 -15.44
CA GLY B 168 13.16 29.41 -14.15
C GLY B 168 14.65 29.21 -14.22
N PRO B 169 15.26 28.76 -13.11
CA PRO B 169 16.70 28.47 -13.12
C PRO B 169 17.03 27.22 -13.95
N GLN B 170 18.24 27.19 -14.50
CA GLN B 170 18.65 26.12 -15.40
C GLN B 170 18.52 24.72 -14.76
N ARG B 171 18.89 24.58 -13.48
CA ARG B 171 18.85 23.27 -12.82
C ARG B 171 17.45 22.69 -12.67
N LEU B 172 16.42 23.53 -12.77
CA LEU B 172 15.04 23.06 -12.78
C LEU B 172 14.41 22.93 -14.17
N THR B 173 14.56 23.96 -15.01
CA THR B 173 13.99 23.90 -16.36
C THR B 173 14.58 22.74 -17.17
N SER B 174 15.83 22.38 -16.90
CA SER B 174 16.50 21.30 -17.61
C SER B 174 16.01 19.89 -17.24
N ILE B 175 15.21 19.75 -16.18
CA ILE B 175 14.56 18.50 -15.84
C ILE B 175 13.52 18.10 -16.93
N MET B 176 12.91 19.07 -17.60
CA MET B 176 12.01 18.78 -18.72
C MET B 176 12.79 18.17 -19.90
N PRO B 177 12.34 17.03 -20.47
CA PRO B 177 12.94 16.59 -21.74
C PRO B 177 12.78 17.65 -22.83
N HIS B 178 11.58 18.21 -22.95
CA HIS B 178 11.39 19.45 -23.65
C HIS B 178 10.30 20.21 -22.92
N TYR B 179 10.15 21.50 -23.20
CA TYR B 179 9.18 22.31 -22.50
C TYR B 179 7.78 22.03 -22.99
N ILE B 180 6.78 22.10 -22.10
CA ILE B 180 5.40 22.33 -22.53
C ILE B 180 5.23 23.82 -22.80
N THR B 181 4.10 24.20 -23.40
CA THR B 181 3.81 25.59 -23.72
C THR B 181 2.59 26.05 -22.94
N PRO B 182 2.44 27.39 -22.77
CA PRO B 182 1.28 27.98 -22.11
C PRO B 182 -0.08 27.49 -22.63
N LYS B 183 -0.16 27.23 -23.93
CA LYS B 183 -1.40 26.74 -24.55
C LYS B 183 -1.78 25.31 -24.13
N ASP B 184 -0.87 24.58 -23.48
CA ASP B 184 -1.13 23.21 -22.99
C ASP B 184 -1.81 23.13 -21.62
N ILE B 185 -1.99 24.31 -20.97
CA ILE B 185 -2.46 24.39 -19.61
C ILE B 185 -3.92 24.84 -19.52
N MET B 186 -4.62 24.26 -18.58
CA MET B 186 -5.96 24.67 -18.28
C MET B 186 -6.03 24.77 -16.77
N TYR B 187 -6.15 26.00 -16.27
CA TYR B 187 -6.19 26.31 -14.83
C TYR B 187 -7.63 26.25 -14.33
N VAL B 188 -7.84 25.70 -13.15
CA VAL B 188 -9.16 25.59 -12.55
C VAL B 188 -9.11 25.96 -11.07
N GLY B 189 -9.92 26.92 -10.69
CA GLY B 189 -9.99 27.40 -9.33
C GLY B 189 -9.03 28.48 -8.87
N ILE B 190 -8.20 29.00 -9.76
CA ILE B 190 -7.22 30.02 -9.37
C ILE B 190 -7.86 31.30 -8.85
N ARG B 191 -7.27 31.90 -7.82
CA ARG B 191 -7.80 33.13 -7.24
C ARG B 191 -6.76 33.93 -6.47
N SER B 192 -5.59 33.34 -6.25
CA SER B 192 -4.54 34.01 -5.53
C SER B 192 -3.37 34.12 -6.51
N ILE B 193 -3.36 35.19 -7.29
CA ILE B 193 -2.39 35.43 -8.35
C ILE B 193 -1.38 36.57 -8.19
N ASP B 194 -0.10 36.31 -8.36
CA ASP B 194 0.92 37.36 -8.22
C ASP B 194 1.07 38.10 -9.52
N VAL B 195 1.69 39.26 -9.46
CA VAL B 195 1.87 40.09 -10.65
C VAL B 195 2.54 39.35 -11.83
N GLY B 196 3.57 38.55 -11.58
CA GLY B 196 4.24 37.83 -12.69
C GLY B 196 3.34 36.78 -13.32
N GLU B 197 2.47 36.18 -12.50
CA GLU B 197 1.57 35.14 -12.98
C GLU B 197 0.43 35.71 -13.81
N GLN B 198 -0.12 36.84 -13.35
CA GLN B 198 -1.12 37.55 -14.11
C GLN B 198 -0.56 37.93 -15.51
N PHE B 199 0.68 38.42 -15.51
CA PHE B 199 1.31 38.84 -16.76
C PHE B 199 1.36 37.64 -17.76
N GLU B 200 1.80 36.48 -17.26
CA GLU B 200 1.85 35.29 -18.11
C GLU B 200 0.46 34.83 -18.58
N ILE B 201 -0.50 34.82 -17.67
CA ILE B 201 -1.86 34.43 -18.03
C ILE B 201 -2.41 35.30 -19.16
N GLN B 202 -2.30 36.61 -19.03
CA GLN B 202 -2.78 37.53 -20.05
C GLN B 202 -1.94 37.59 -21.31
N ASP B 203 -0.63 37.58 -21.16
CA ASP B 203 0.26 37.79 -22.32
C ASP B 203 0.28 36.53 -23.21
N LYS B 204 0.25 35.36 -22.59
CA LYS B 204 0.18 34.07 -23.31
C LYS B 204 -1.25 33.53 -23.47
N HIS B 205 -2.27 34.26 -23.05
CA HIS B 205 -3.67 33.85 -23.22
C HIS B 205 -3.94 32.43 -22.70
N ILE B 206 -3.50 32.16 -21.47
CA ILE B 206 -3.61 30.84 -20.88
C ILE B 206 -5.05 30.58 -20.43
N ASP B 207 -5.62 29.48 -20.88
CA ASP B 207 -6.99 29.14 -20.54
C ASP B 207 -7.17 28.88 -19.02
N HIS B 208 -8.26 29.39 -18.50
CA HIS B 208 -8.49 29.36 -17.07
C HIS B 208 -9.93 29.60 -16.67
N PHE B 209 -10.30 29.01 -15.55
CA PHE B 209 -11.52 29.33 -14.87
C PHE B 209 -11.07 29.65 -13.46
N THR B 210 -11.27 30.91 -13.04
CA THR B 210 -11.09 31.28 -11.65
C THR B 210 -12.20 30.60 -10.88
N ALA B 211 -12.10 30.64 -9.57
CA ALA B 211 -13.12 30.10 -8.69
C ALA B 211 -14.43 30.81 -8.91
N GLU B 212 -14.37 32.12 -9.08
CA GLU B 212 -15.55 32.90 -9.35
C GLU B 212 -16.18 32.49 -10.67
N ASP B 213 -15.36 32.24 -11.68
CA ASP B 213 -15.86 31.82 -12.97
C ASP B 213 -16.62 30.54 -12.85
N VAL B 214 -16.06 29.60 -12.13
CA VAL B 214 -16.74 28.31 -11.87
C VAL B 214 -18.14 28.53 -11.28
N LYS B 215 -18.27 29.42 -10.31
CA LYS B 215 -19.57 29.74 -9.71
C LYS B 215 -20.52 30.28 -10.78
N ARG B 216 -20.02 31.20 -11.61
CA ARG B 216 -20.88 31.85 -12.60
C ARG B 216 -21.39 30.84 -13.63
N VAL B 217 -20.47 30.13 -14.26
CA VAL B 217 -20.81 29.25 -15.39
C VAL B 217 -21.13 27.80 -15.02
N GLY B 218 -20.68 27.33 -13.86
CA GLY B 218 -20.87 25.91 -13.45
C GLY B 218 -19.78 24.97 -13.93
N MET B 219 -19.59 23.89 -13.19
CA MET B 219 -18.46 22.99 -13.40
C MET B 219 -18.66 22.16 -14.65
N LYS B 220 -19.91 21.98 -15.06
CA LYS B 220 -20.20 21.29 -16.30
C LYS B 220 -19.53 22.01 -17.47
N GLU B 221 -19.63 23.34 -17.51
CA GLU B 221 -19.04 24.14 -18.58
C GLU B 221 -17.51 24.05 -18.59
N VAL B 222 -16.92 23.97 -17.39
CA VAL B 222 -15.48 23.77 -17.23
C VAL B 222 -15.04 22.44 -17.87
N ILE B 223 -15.74 21.36 -17.56
CA ILE B 223 -15.45 20.03 -18.12
C ILE B 223 -15.57 20.01 -19.65
N GLU B 224 -16.57 20.71 -20.18
CA GLU B 224 -16.78 20.81 -21.62
C GLU B 224 -15.63 21.55 -22.29
N ALA B 225 -15.16 22.63 -21.66
CA ALA B 225 -14.01 23.39 -22.18
C ALA B 225 -12.74 22.54 -22.20
N ILE B 226 -12.59 21.68 -21.20
CA ILE B 226 -11.44 20.76 -21.13
C ILE B 226 -11.53 19.72 -22.28
N ASN B 227 -12.69 19.11 -22.49
CA ASN B 227 -12.85 18.12 -23.55
C ASN B 227 -12.55 18.71 -24.93
N LYS B 228 -13.06 19.92 -25.17
CA LYS B 228 -12.82 20.60 -26.45
C LYS B 228 -11.37 21.00 -26.61
N LYS B 229 -10.77 21.56 -25.57
CA LYS B 229 -9.37 22.00 -25.61
C LYS B 229 -8.39 20.88 -25.94
N PHE B 230 -8.56 19.70 -25.34
CA PHE B 230 -7.56 18.65 -25.46
C PHE B 230 -7.93 17.60 -26.49
N VAL B 231 -8.93 17.88 -27.32
CA VAL B 231 -9.43 16.90 -28.28
C VAL B 231 -8.33 16.35 -29.24
N ASP B 232 -7.36 17.18 -29.61
CA ASP B 232 -6.24 16.76 -30.46
C ASP B 232 -4.94 16.50 -29.70
N TYR B 233 -4.99 16.33 -28.39
CA TYR B 233 -3.79 16.02 -27.61
C TYR B 233 -3.69 14.50 -27.48
N ASP B 234 -2.52 14.02 -27.07
CA ASP B 234 -2.32 12.58 -26.93
C ASP B 234 -2.76 12.12 -25.53
N VAL B 235 -2.35 12.86 -24.52
CA VAL B 235 -2.66 12.57 -23.13
C VAL B 235 -2.87 13.87 -22.35
N ILE B 236 -3.59 13.75 -21.25
CA ILE B 236 -3.87 14.82 -20.30
C ILE B 236 -3.34 14.35 -18.96
N HIS B 237 -2.70 15.26 -18.24
CA HIS B 237 -2.26 15.03 -16.87
C HIS B 237 -2.98 16.00 -15.95
N LEU B 238 -3.53 15.48 -14.87
CA LEU B 238 -4.23 16.32 -13.88
C LEU B 238 -3.32 16.54 -12.68
N SER B 239 -3.12 17.79 -12.29
CA SER B 239 -2.35 18.11 -11.08
C SER B 239 -3.26 18.86 -10.10
N PHE B 240 -3.64 18.17 -9.00
CA PHE B 240 -4.69 18.59 -8.10
C PHE B 240 -4.07 19.01 -6.77
N ASP B 241 -4.03 20.32 -6.59
CA ASP B 241 -3.63 20.97 -5.34
C ASP B 241 -4.91 21.12 -4.55
N ILE B 242 -4.93 20.49 -3.37
CA ILE B 242 -6.14 20.48 -2.53
C ILE B 242 -6.59 21.86 -2.07
N ASP B 243 -5.69 22.88 -2.09
CA ASP B 243 -6.08 24.22 -1.71
C ASP B 243 -6.90 24.94 -2.77
N GLY B 244 -7.09 24.29 -3.93
CA GLY B 244 -8.10 24.69 -4.88
C GLY B 244 -9.46 24.67 -4.25
N ILE B 245 -9.67 23.69 -3.36
CA ILE B 245 -10.92 23.56 -2.63
C ILE B 245 -11.01 24.60 -1.53
N ASP B 246 -12.23 25.08 -1.34
CA ASP B 246 -12.55 26.05 -0.31
C ASP B 246 -12.12 25.57 1.08
N PRO B 247 -11.53 26.47 1.89
CA PRO B 247 -11.00 26.12 3.24
C PRO B 247 -12.02 25.63 4.25
N GLU B 248 -13.32 25.80 3.99
CA GLU B 248 -14.34 25.11 4.77
C GLU B 248 -14.08 23.59 4.79
N PHE B 249 -13.66 23.04 3.66
CA PHE B 249 -13.48 21.57 3.51
C PHE B 249 -12.02 21.11 3.59
N ILE B 250 -11.07 21.98 3.25
CA ILE B 250 -9.65 21.63 3.25
C ILE B 250 -8.92 22.61 4.13
N LEU B 251 -8.69 22.19 5.38
CA LEU B 251 -8.00 23.00 6.36
C LEU B 251 -6.52 22.66 6.42
N GLY B 252 -6.16 21.41 6.17
CA GLY B 252 -4.79 20.91 6.36
C GLY B 252 -3.93 21.11 5.14
N THR B 253 -3.57 22.38 4.92
CA THR B 253 -2.76 22.79 3.81
C THR B 253 -2.08 24.11 4.15
N GLY B 254 -0.94 24.38 3.54
CA GLY B 254 -0.08 25.49 3.97
C GLY B 254 -0.54 26.86 3.51
N THR B 255 -1.23 26.98 2.37
CA THR B 255 -1.62 28.29 1.82
C THR B 255 -3.11 28.32 1.48
N PRO B 256 -3.99 28.20 2.51
CA PRO B 256 -5.44 28.25 2.26
C PRO B 256 -5.87 29.63 1.80
N VAL B 257 -6.80 29.68 0.85
CA VAL B 257 -7.32 30.89 0.31
C VAL B 257 -8.84 30.81 0.27
N PRO B 258 -9.53 31.80 0.82
CA PRO B 258 -11.00 31.71 0.87
C PRO B 258 -11.68 31.90 -0.51
N LYS B 259 -12.98 31.65 -0.55
CA LYS B 259 -13.80 31.70 -1.77
C LYS B 259 -13.31 30.72 -2.83
N GLY B 260 -13.19 29.47 -2.43
CA GLY B 260 -12.74 28.40 -3.30
C GLY B 260 -13.83 27.57 -3.91
N ILE B 261 -13.42 26.48 -4.53
CA ILE B 261 -14.35 25.59 -5.19
C ILE B 261 -14.99 24.81 -4.05
N SER B 262 -16.31 24.66 -4.09
CA SER B 262 -17.05 23.85 -3.10
C SER B 262 -16.63 22.39 -3.19
N LEU B 263 -16.87 21.63 -2.12
CA LEU B 263 -16.54 20.21 -2.11
C LEU B 263 -17.34 19.55 -3.20
N GLU B 264 -18.62 19.89 -3.27
CA GLU B 264 -19.53 19.31 -4.23
C GLU B 264 -19.03 19.50 -5.66
N ASP B 265 -18.69 20.74 -6.04
CA ASP B 265 -18.13 20.97 -7.38
C ASP B 265 -16.79 20.24 -7.60
N SER B 266 -16.00 20.08 -6.55
CA SER B 266 -14.73 19.37 -6.65
C SER B 266 -14.94 17.86 -6.96
N LEU B 267 -15.95 17.26 -6.32
CA LEU B 267 -16.28 15.87 -6.54
C LEU B 267 -16.84 15.67 -7.92
N TYR B 268 -17.71 16.55 -8.37
CA TYR B 268 -18.22 16.47 -9.73
C TYR B 268 -17.05 16.60 -10.71
N PHE B 269 -16.17 17.58 -10.47
CA PHE B 269 -14.98 17.80 -11.31
C PHE B 269 -14.16 16.51 -11.43
N MET B 270 -13.83 15.91 -10.28
CA MET B 270 -13.03 14.70 -10.26
C MET B 270 -13.71 13.54 -10.96
N SER B 271 -15.02 13.37 -10.72
CA SER B 271 -15.81 12.36 -11.42
C SER B 271 -15.69 12.53 -12.93
N GLU B 272 -15.90 13.74 -13.42
CA GLU B 272 -15.82 14.01 -14.86
C GLU B 272 -14.42 13.86 -15.44
N MET B 273 -13.40 14.28 -14.70
CA MET B 273 -12.01 14.06 -15.11
C MET B 273 -11.70 12.57 -15.26
N GLY B 274 -12.19 11.76 -14.32
CA GLY B 274 -11.92 10.32 -14.30
C GLY B 274 -12.48 9.62 -15.51
N LYS B 275 -13.56 10.16 -16.06
CA LYS B 275 -14.16 9.67 -17.30
C LYS B 275 -13.39 10.02 -18.59
N MET B 276 -12.36 10.86 -18.56
CA MET B 276 -11.68 11.25 -19.78
C MET B 276 -10.69 10.16 -20.19
N LYS B 277 -10.84 9.68 -21.41
CA LYS B 277 -10.03 8.56 -21.92
C LYS B 277 -8.57 8.92 -22.05
N LYS B 278 -8.26 10.21 -22.20
CA LYS B 278 -6.86 10.64 -22.29
C LYS B 278 -6.12 10.81 -20.97
N LEU B 279 -6.83 10.70 -19.83
CA LEU B 279 -6.20 10.85 -18.52
C LEU B 279 -5.64 9.53 -17.97
N HIS B 280 -4.33 9.49 -17.75
CA HIS B 280 -3.66 8.33 -17.22
C HIS B 280 -2.80 8.58 -16.00
N SER B 281 -2.79 9.81 -15.47
CA SER B 281 -1.94 10.19 -14.36
C SER B 281 -2.53 11.37 -13.59
N VAL B 282 -2.32 11.38 -12.26
CA VAL B 282 -2.90 12.38 -11.37
C VAL B 282 -1.94 12.63 -10.21
N ASP B 283 -1.83 13.91 -9.81
CA ASP B 283 -1.07 14.32 -8.64
C ASP B 283 -2.07 14.79 -7.61
N ILE B 284 -1.87 14.41 -6.35
CA ILE B 284 -2.67 14.96 -5.25
C ILE B 284 -1.66 15.58 -4.31
N VAL B 285 -1.63 16.90 -4.20
CA VAL B 285 -0.56 17.59 -3.45
C VAL B 285 -1.06 18.57 -2.40
N GLU B 286 -0.14 18.90 -1.48
CA GLU B 286 -0.27 19.95 -0.45
C GLU B 286 -1.16 19.54 0.73
N TYR B 287 -1.35 18.25 0.91
CA TYR B 287 -1.93 17.78 2.17
C TYR B 287 -0.88 17.84 3.28
N ASN B 288 -1.11 18.71 4.25
CA ASN B 288 -0.30 18.79 5.45
C ASN B 288 -1.11 18.35 6.67
N PRO B 289 -1.00 17.07 7.04
CA PRO B 289 -1.76 16.55 8.20
C PRO B 289 -1.33 17.12 9.55
N LYS B 290 -0.15 17.71 9.65
CA LYS B 290 0.27 18.37 10.88
C LYS B 290 -0.48 19.71 11.10
N ILE B 291 -1.06 20.28 10.04
CA ILE B 291 -1.88 21.49 10.16
C ILE B 291 -3.29 21.05 10.54
N GLU B 292 -3.90 20.20 9.73
CA GLU B 292 -5.16 19.53 10.12
C GLU B 292 -5.24 18.17 9.46
N GLU B 293 -5.64 17.16 10.22
CA GLU B 293 -5.53 15.76 9.81
C GLU B 293 -6.80 15.16 9.21
N GLU B 294 -7.83 15.05 10.04
CA GLU B 294 -8.94 14.14 9.77
C GLU B 294 -9.96 14.65 8.78
N ILE B 295 -10.43 15.86 8.99
CA ILE B 295 -11.46 16.46 8.13
C ILE B 295 -10.91 16.60 6.73
N THR B 296 -9.68 17.08 6.67
CA THR B 296 -9.00 17.31 5.40
C THR B 296 -8.69 15.99 4.71
N GLY B 297 -8.05 15.07 5.44
CA GLY B 297 -7.66 13.79 4.87
C GLY B 297 -8.84 13.03 4.31
N LYS B 298 -9.95 13.02 5.05
CA LYS B 298 -11.16 12.35 4.60
C LYS B 298 -11.76 12.99 3.39
N ASN B 299 -11.74 14.31 3.33
CA ASN B 299 -12.24 15.03 2.16
C ASN B 299 -11.37 14.82 0.94
N VAL B 300 -10.07 14.72 1.15
CA VAL B 300 -9.15 14.41 0.08
C VAL B 300 -9.44 12.99 -0.48
N LEU B 301 -9.67 12.02 0.40
CA LEU B 301 -10.06 10.69 -0.01
C LEU B 301 -11.38 10.63 -0.78
N LYS B 302 -12.32 11.50 -0.46
CA LYS B 302 -13.56 11.62 -1.28
C LYS B 302 -13.27 12.11 -2.71
N CYS B 303 -12.34 13.06 -2.85
CA CYS B 303 -11.95 13.54 -4.19
C CYS B 303 -11.32 12.40 -5.02
N ILE B 304 -10.40 11.67 -4.42
CA ILE B 304 -9.75 10.55 -5.05
C ILE B 304 -10.78 9.45 -5.39
N SER B 305 -11.69 9.12 -4.46
CA SER B 305 -12.77 8.19 -4.72
C SER B 305 -13.62 8.63 -5.91
N SER B 306 -13.99 9.92 -5.95
CA SER B 306 -14.78 10.44 -7.06
C SER B 306 -14.10 10.26 -8.39
N LEU B 307 -12.80 10.52 -8.40
CA LEU B 307 -12.01 10.35 -9.60
C LEU B 307 -12.17 8.95 -10.19
N PHE B 308 -12.14 7.95 -9.31
CA PHE B 308 -12.28 6.55 -9.69
C PHE B 308 -13.73 6.06 -9.82
N GLY B 309 -14.73 6.93 -9.65
CA GLY B 309 -16.14 6.57 -9.76
C GLY B 309 -16.80 5.91 -8.53
N ILE B 310 -16.08 5.86 -7.44
CA ILE B 310 -16.57 5.27 -6.22
C ILE B 310 -17.40 6.29 -5.50
N LYS B 311 -18.59 5.90 -5.05
CA LYS B 311 -19.45 6.84 -4.35
C LYS B 311 -20.38 6.14 -3.40
N NVA C . -8.28 -27.18 16.83
CA NVA C . -9.46 -26.31 16.79
CB NVA C . -9.04 -24.82 16.76
CG NVA C . -8.16 -24.44 15.57
CD NVA C . -7.90 -22.94 15.45
C NVA C . -10.36 -26.67 15.59
O NVA C . -9.85 -27.56 14.85
OXT NVA C . -11.41 -25.96 15.66
MN MN D . -3.07 -21.19 13.07
MN MN E . -4.21 -20.39 16.14
C1 GOL F . 0.99 -36.03 -4.52
O1 GOL F . 2.17 -35.46 -3.94
C2 GOL F . 0.30 -35.00 -5.42
O2 GOL F . -0.78 -35.64 -6.10
C3 GOL F . -0.18 -33.79 -4.62
O3 GOL F . -1.42 -33.25 -5.10
C1 GOL G . -13.26 -15.98 -5.77
O1 GOL G . -14.61 -15.52 -5.56
C2 GOL G . -12.49 -15.84 -4.45
O2 GOL G . -13.06 -16.71 -3.49
C3 GOL G . -11.02 -16.22 -4.62
O3 GOL G . -10.18 -15.76 -3.54
C1 EDO H . 5.82 -26.44 -10.18
O1 EDO H . 6.07 -25.20 -10.89
C2 EDO H . 7.08 -26.89 -9.44
O2 EDO H . 6.76 -27.85 -8.42
N NVA I . 2.19 32.64 -5.09
CA NVA I . 2.86 32.45 -3.80
CB NVA I . 2.21 31.25 -3.06
CG NVA I . 1.91 30.03 -3.95
CD NVA I . 1.55 28.76 -3.18
C NVA I . 4.36 32.25 -4.03
O NVA I . 5.01 32.15 -2.96
OXT NVA I . 4.58 32.24 -5.26
MN MN J . -0.03 24.28 -6.35
MN MN K . -1.87 26.08 -4.08
C1 EDO L . 18.81 15.28 -17.10
O1 EDO L . 17.94 16.36 -16.74
C2 EDO L . 19.62 14.89 -15.87
O2 EDO L . 18.98 13.78 -15.22
#